data_7QN4
#
_entry.id   7QN4
#
_cell.length_a   46.020
_cell.length_b   74.119
_cell.length_c   53.212
_cell.angle_alpha   90.000
_cell.angle_beta   109.416
_cell.angle_gamma   90.000
#
_symmetry.space_group_name_H-M   'P 1 21 1'
#
loop_
_entity.id
_entity.type
_entity.pdbx_description
1 polymer Endothiapepsin
2 non-polymer [4-(trifluoromethyl)phenyl]methanamine
3 non-polymer 1-METHOXY-2-[2-(2-METHOXY-ETHOXY]-ETHANE
4 non-polymer 'DIMETHYL SULFOXIDE'
5 water water
#
_entity_poly.entity_id   1
_entity_poly.type   'polypeptide(L)'
_entity_poly.pdbx_seq_one_letter_code
;MSSPLKNALVTAMLAGGALSSPTKQHVGIPVNASPEVGPGKYSFKQVRNPNYKFNGPLSVKKTYLKYGVPIPAWLEDAVQ
NSTSGLAERSTGSATTTPIDSLDDAYITPVQIGTPAQTLNLDFDTGSSDLWVFSSETTASEVDGQTIYTPSKSTTAKLLS
GATWSISYGDGSSSSGDVYTDTVSVGGLTVTGQAVESAKKVSSSFTEDSTIDGLLGLAFSTLNTVSPTQQKTFFDNAKAS
LDSPVFTADLGYHAPGTYNFGFIDTTAYTGSITYTAVSTKQGFWEWTSTGYAVGSGTFKSTSIDGIADTGTTLLYLPATV
VSAYWAQVSGAKSSSSVGGYVFPCSATLPSFTFGVGSARIVIPGDYIDFGPISTGSSSCFGGIQSSAGIGINIFGDVALK
AAFVVFNGATTPTLGFASK
;
_entity_poly.pdbx_strand_id   A
#
loop_
_chem_comp.id
_chem_comp.type
_chem_comp.name
_chem_comp.formula
DMS non-polymer 'DIMETHYL SULFOXIDE' 'C2 H6 O S'
PG5 non-polymer 1-METHOXY-2-[2-(2-METHOXY-ETHOXY]-ETHANE 'C8 H18 O4'
U1H non-polymer [4-(trifluoromethyl)phenyl]methanamine 'C8 H8 F3 N'
#
# COMPACT_ATOMS: atom_id res chain seq x y z
N SER A 90 -17.59 1.80 -16.74
CA SER A 90 -16.87 3.04 -16.49
C SER A 90 -15.45 2.74 -15.97
N THR A 91 -14.61 3.77 -15.94
CA THR A 91 -13.23 3.67 -15.52
C THR A 91 -12.86 4.87 -14.67
N GLY A 92 -11.72 4.78 -14.01
CA GLY A 92 -11.15 5.91 -13.28
C GLY A 92 -9.64 5.84 -13.35
N SER A 93 -9.00 7.00 -13.22
CA SER A 93 -7.54 7.07 -13.30
C SER A 93 -7.05 8.23 -12.45
N ALA A 94 -6.11 7.96 -11.53
CA ALA A 94 -5.66 9.04 -10.67
C ALA A 94 -4.15 8.96 -10.46
N THR A 95 -3.51 10.12 -10.43
CA THR A 95 -2.08 10.21 -10.17
C THR A 95 -1.79 10.03 -8.70
N THR A 96 -0.75 9.26 -8.39
CA THR A 96 -0.31 9.05 -7.02
C THR A 96 1.11 9.60 -6.90
N THR A 97 1.41 10.25 -5.78
CA THR A 97 2.62 11.05 -5.60
C THR A 97 3.33 10.64 -4.32
N PRO A 98 4.64 10.41 -4.34
CA PRO A 98 5.35 10.12 -3.07
C PRO A 98 5.24 11.30 -2.11
N ILE A 99 5.14 11.01 -0.82
CA ILE A 99 4.98 12.10 0.16
C ILE A 99 6.29 12.76 0.51
N ASP A 100 7.41 12.11 0.26
CA ASP A 100 8.73 12.67 0.56
C ASP A 100 9.73 12.08 -0.41
N SER A 101 10.99 12.44 -0.21
CA SER A 101 12.04 12.09 -1.15
C SER A 101 12.52 10.65 -0.99
N LEU A 102 12.07 9.93 0.04
CA LEU A 102 12.40 8.51 0.21
C LEU A 102 11.30 7.57 -0.28
N ASP A 103 10.20 8.09 -0.85
CA ASP A 103 9.04 7.27 -1.22
C ASP A 103 8.52 6.52 0.00
N ASP A 104 8.43 7.19 1.15
CA ASP A 104 7.92 6.51 2.34
C ASP A 104 6.46 6.07 2.18
N ALA A 105 5.67 6.83 1.42
CA ALA A 105 4.28 6.50 1.16
C ALA A 105 3.84 7.29 -0.06
N TYR A 106 2.70 6.91 -0.61
CA TYR A 106 2.13 7.61 -1.76
C TYR A 106 0.73 8.10 -1.42
N ILE A 107 0.40 9.32 -1.86
CA ILE A 107 -0.94 9.88 -1.65
C ILE A 107 -1.59 10.14 -3.01
N THR A 108 -2.92 10.02 -3.03
CA THR A 108 -3.75 10.06 -4.22
C THR A 108 -4.93 10.94 -3.82
N PRO A 109 -5.28 11.95 -4.62
CA PRO A 109 -6.44 12.78 -4.27
C PRO A 109 -7.75 12.03 -4.51
N VAL A 110 -8.68 12.18 -3.55
CA VAL A 110 -9.96 11.51 -3.56
C VAL A 110 -11.03 12.58 -3.25
N GLN A 111 -12.12 12.58 -4.02
CA GLN A 111 -13.21 13.52 -3.78
C GLN A 111 -14.29 12.86 -2.93
N ILE A 112 -14.57 13.44 -1.76
CA ILE A 112 -15.63 12.92 -0.88
C ILE A 112 -16.69 14.00 -0.67
N GLY A 113 -17.96 13.63 -0.87
CA GLY A 113 -19.06 14.51 -0.48
C GLY A 113 -19.54 15.37 -1.65
N THR A 114 -20.63 16.14 -1.37
CA THR A 114 -21.25 17.09 -2.30
C THR A 114 -21.50 18.41 -1.58
N PRO A 115 -20.88 19.53 -2.01
CA PRO A 115 -19.86 19.55 -3.05
C PRO A 115 -18.56 18.84 -2.61
N ALA A 116 -17.71 18.48 -3.57
CA ALA A 116 -16.54 17.65 -3.30
C ALA A 116 -15.62 18.30 -2.27
N GLN A 117 -15.14 17.50 -1.32
CA GLN A 117 -14.01 17.84 -0.47
C GLN A 117 -12.87 16.92 -0.87
N THR A 118 -11.72 17.50 -1.22
CA THR A 118 -10.63 16.71 -1.76
C THR A 118 -9.67 16.39 -0.65
N LEU A 119 -9.46 15.10 -0.40
CA LEU A 119 -8.50 14.62 0.57
C LEU A 119 -7.46 13.76 -0.15
N ASN A 120 -6.22 13.80 0.37
CA ASN A 120 -5.12 12.99 -0.14
C ASN A 120 -5.01 11.71 0.69
N LEU A 121 -5.41 10.60 0.10
CA LEU A 121 -5.48 9.35 0.84
C LEU A 121 -4.36 8.44 0.40
N ASP A 122 -3.90 7.61 1.34
CA ASP A 122 -2.92 6.54 1.11
C ASP A 122 -3.66 5.26 0.69
N PHE A 123 -3.50 4.86 -0.57
CA PHE A 123 -4.18 3.67 -1.08
C PHE A 123 -3.47 2.41 -0.57
N ASP A 124 -4.21 1.57 0.15
CA ASP A 124 -3.59 0.50 0.94
C ASP A 124 -4.22 -0.83 0.56
N THR A 125 -3.52 -1.64 -0.25
CA THR A 125 -4.07 -2.97 -0.58
C THR A 125 -3.89 -3.98 0.56
N GLY A 126 -3.39 -3.55 1.72
CA GLY A 126 -3.25 -4.40 2.88
C GLY A 126 -4.31 -4.18 3.94
N SER A 127 -5.29 -3.32 3.69
CA SER A 127 -6.39 -3.09 4.62
C SER A 127 -7.66 -2.81 3.83
N SER A 128 -8.78 -2.72 4.56
CA SER A 128 -10.07 -2.71 3.89
C SER A 128 -11.01 -1.68 4.48
N ASP A 129 -10.47 -0.64 5.11
CA ASP A 129 -11.25 0.46 5.65
C ASP A 129 -10.90 1.73 4.87
N LEU A 130 -11.91 2.55 4.63
CA LEU A 130 -11.74 3.90 4.12
C LEU A 130 -11.95 4.80 5.34
N TRP A 131 -10.87 5.31 5.91
CA TRP A 131 -11.03 6.21 7.04
C TRP A 131 -10.30 7.52 6.81
N VAL A 132 -10.88 8.60 7.35
CA VAL A 132 -10.40 9.96 7.10
C VAL A 132 -10.35 10.74 8.41
N PHE A 133 -9.35 11.63 8.52
CA PHE A 133 -9.42 12.74 9.47
C PHE A 133 -10.69 13.55 9.22
N SER A 134 -11.34 14.01 10.28
CA SER A 134 -12.60 14.69 10.09
C SER A 134 -12.78 15.80 11.13
N SER A 135 -13.89 16.54 10.98
CA SER A 135 -14.29 17.54 11.97
C SER A 135 -14.57 16.92 13.34
N GLU A 136 -14.64 15.58 13.45
CA GLU A 136 -14.83 14.86 14.70
C GLU A 136 -13.52 14.37 15.34
N THR A 137 -12.37 14.59 14.72
CA THR A 137 -11.12 14.15 15.33
C THR A 137 -10.71 15.12 16.44
N THR A 138 -10.29 14.58 17.58
CA THR A 138 -9.75 15.41 18.66
C THR A 138 -8.77 16.41 18.09
N ALA A 139 -8.96 17.68 18.44
CA ALA A 139 -8.26 18.76 17.75
C ALA A 139 -6.76 18.72 18.01
N SER A 140 -6.32 18.14 19.14
CA SER A 140 -4.90 18.03 19.43
C SER A 140 -4.21 16.95 18.60
N GLU A 141 -4.98 15.99 18.09
CA GLU A 141 -4.48 14.93 17.22
C GLU A 141 -4.47 15.32 15.74
N VAL A 142 -4.65 16.60 15.42
CA VAL A 142 -4.69 17.09 14.04
C VAL A 142 -3.61 18.16 13.89
N ASP A 143 -2.69 17.96 12.91
CA ASP A 143 -1.52 18.83 12.69
C ASP A 143 -1.33 19.02 11.16
N GLY A 144 -2.21 19.81 10.53
CA GLY A 144 -2.05 20.17 9.13
C GLY A 144 -2.84 19.35 8.14
N GLN A 145 -3.48 18.27 8.59
CA GLN A 145 -4.31 17.45 7.70
C GLN A 145 -5.52 18.23 7.23
N THR A 146 -5.97 17.89 6.02
CA THR A 146 -7.27 18.32 5.54
C THR A 146 -8.30 17.38 6.14
N ILE A 147 -9.40 17.94 6.65
CA ILE A 147 -10.39 17.15 7.37
C ILE A 147 -11.69 17.10 6.57
N TYR A 148 -12.33 15.94 6.60
CA TYR A 148 -13.66 15.76 6.03
C TYR A 148 -14.68 16.29 7.04
N THR A 149 -15.63 17.10 6.57
CA THR A 149 -16.63 17.69 7.45
C THR A 149 -17.98 17.23 6.93
N PRO A 150 -18.54 16.16 7.49
CA PRO A 150 -19.79 15.63 6.93
C PRO A 150 -20.93 16.61 6.99
N SER A 151 -20.90 17.57 7.95
CA SER A 151 -22.00 18.51 8.08
C SER A 151 -22.11 19.42 6.86
N LYS A 152 -21.02 19.63 6.13
CA LYS A 152 -21.03 20.43 4.91
C LYS A 152 -21.32 19.62 3.66
N SER A 153 -21.65 18.34 3.77
CA SER A 153 -21.92 17.53 2.59
C SER A 153 -23.41 17.19 2.54
N THR A 154 -24.06 17.55 1.44
CA THR A 154 -25.49 17.32 1.34
C THR A 154 -25.84 15.86 1.08
N THR A 155 -24.84 15.00 0.84
CA THR A 155 -25.06 13.59 0.58
C THR A 155 -24.60 12.68 1.73
N ALA A 156 -24.03 13.25 2.79
CA ALA A 156 -23.52 12.45 3.90
C ALA A 156 -24.67 12.00 4.78
N LYS A 157 -24.66 10.72 5.18
CA LYS A 157 -25.65 10.17 6.11
C LYS A 157 -24.94 9.42 7.21
N LEU A 158 -25.28 9.72 8.46
CA LEU A 158 -24.72 8.97 9.57
C LEU A 158 -25.23 7.54 9.54
N LEU A 159 -24.33 6.60 9.67
CA LEU A 159 -24.70 5.19 9.68
C LEU A 159 -24.95 4.85 11.14
N SER A 160 -26.19 5.09 11.56
CA SER A 160 -26.61 5.00 12.95
C SER A 160 -26.12 3.72 13.62
N GLY A 161 -25.37 3.89 14.70
CA GLY A 161 -24.90 2.80 15.52
C GLY A 161 -23.61 2.14 15.09
N ALA A 162 -23.11 2.43 13.89
CA ALA A 162 -21.93 1.74 13.38
C ALA A 162 -20.67 2.36 13.95
N THR A 163 -19.71 1.52 14.32
CA THR A 163 -18.39 1.99 14.73
C THR A 163 -17.32 1.15 14.02
N TRP A 164 -16.09 1.65 14.12
CA TRP A 164 -14.91 0.98 13.57
C TRP A 164 -13.75 1.20 14.51
N SER A 165 -12.87 0.22 14.56
CA SER A 165 -11.62 0.36 15.31
C SER A 165 -10.57 -0.45 14.57
N ILE A 166 -9.43 0.16 14.24
CA ILE A 166 -8.44 -0.54 13.44
C ILE A 166 -7.08 -0.39 14.12
N SER A 167 -6.26 -1.44 13.97
CA SER A 167 -4.87 -1.47 14.45
C SER A 167 -4.00 -2.05 13.34
N TYR A 168 -2.95 -1.33 12.98
CA TYR A 168 -2.06 -1.72 11.89
C TYR A 168 -0.83 -2.46 12.41
N GLY A 169 -0.18 -3.20 11.50
CA GLY A 169 0.94 -4.08 11.83
C GLY A 169 2.17 -3.38 12.38
N ASP A 170 2.21 -2.05 12.32
CA ASP A 170 3.31 -1.26 12.87
C ASP A 170 2.97 -0.61 14.22
N GLY A 171 1.75 -0.83 14.73
CA GLY A 171 1.35 -0.29 16.01
C GLY A 171 0.44 0.92 15.93
N SER A 172 0.07 1.36 14.74
CA SER A 172 -0.85 2.46 14.53
C SER A 172 -2.29 2.03 14.79
N SER A 173 -3.15 3.01 15.10
CA SER A 173 -4.55 2.72 15.34
C SER A 173 -5.38 4.00 15.23
N SER A 174 -6.68 3.79 15.05
CA SER A 174 -7.65 4.86 14.91
C SER A 174 -9.03 4.23 15.01
N SER A 175 -10.03 5.07 15.25
CA SER A 175 -11.40 4.60 15.48
C SER A 175 -12.35 5.80 15.49
N GLY A 176 -13.63 5.50 15.30
CA GLY A 176 -14.66 6.53 15.33
C GLY A 176 -16.00 5.98 14.86
N ASP A 177 -16.76 6.85 14.21
CA ASP A 177 -18.08 6.49 13.70
C ASP A 177 -18.05 6.50 12.17
N VAL A 178 -19.21 6.24 11.57
CA VAL A 178 -19.28 5.85 10.17
C VAL A 178 -20.38 6.63 9.46
N TYR A 179 -20.02 7.24 8.34
CA TYR A 179 -20.96 7.91 7.46
C TYR A 179 -21.03 7.16 6.14
N THR A 180 -22.11 7.35 5.39
CA THR A 180 -22.07 7.02 3.98
C THR A 180 -22.06 8.34 3.21
N ASP A 181 -21.39 8.34 2.05
CA ASP A 181 -21.28 9.56 1.25
C ASP A 181 -20.86 9.15 -0.14
N THR A 182 -20.85 10.12 -1.05
CA THR A 182 -20.37 9.89 -2.40
C THR A 182 -18.85 10.06 -2.41
N VAL A 183 -18.16 9.14 -3.10
CA VAL A 183 -16.70 9.09 -3.16
C VAL A 183 -16.31 8.90 -4.62
N SER A 184 -15.43 9.76 -5.12
CA SER A 184 -14.96 9.67 -6.49
C SER A 184 -13.44 9.63 -6.52
N VAL A 185 -12.91 8.75 -7.35
CA VAL A 185 -11.47 8.61 -7.55
C VAL A 185 -11.23 8.75 -9.04
N GLY A 186 -10.57 9.83 -9.43
CA GLY A 186 -10.16 9.96 -10.82
C GLY A 186 -11.30 9.91 -11.82
N GLY A 187 -12.48 10.46 -11.45
CA GLY A 187 -13.64 10.38 -12.34
C GLY A 187 -14.59 9.21 -12.08
N LEU A 188 -14.18 8.19 -11.33
CA LEU A 188 -15.01 7.03 -11.01
C LEU A 188 -15.77 7.31 -9.72
N THR A 189 -17.10 7.26 -9.76
CA THR A 189 -17.93 7.67 -8.63
C THR A 189 -18.71 6.51 -8.02
N VAL A 190 -18.64 6.38 -6.70
CA VAL A 190 -19.44 5.42 -5.95
C VAL A 190 -20.33 6.22 -5.01
N THR A 191 -21.63 5.93 -5.04
CA THR A 191 -22.55 6.52 -4.09
C THR A 191 -22.79 5.57 -2.93
N GLY A 192 -23.00 6.13 -1.74
CA GLY A 192 -23.25 5.30 -0.58
C GLY A 192 -22.04 4.52 -0.08
N GLN A 193 -20.84 5.06 -0.31
CA GLN A 193 -19.63 4.45 0.23
C GLN A 193 -19.51 4.74 1.73
N ALA A 194 -19.16 3.72 2.49
CA ALA A 194 -18.89 3.92 3.91
C ALA A 194 -17.59 4.73 4.09
N VAL A 195 -17.69 5.86 4.80
CA VAL A 195 -16.54 6.72 5.08
C VAL A 195 -16.37 6.71 6.59
N GLU A 196 -15.30 6.10 7.07
CA GLU A 196 -15.11 5.97 8.51
C GLU A 196 -14.41 7.22 9.05
N SER A 197 -15.11 7.92 9.92
CA SER A 197 -14.65 9.19 10.47
C SER A 197 -13.83 8.94 11.73
N ALA A 198 -12.56 9.33 11.69
CA ALA A 198 -11.68 9.15 12.85
C ALA A 198 -12.02 10.15 13.93
N LYS A 199 -12.43 9.64 15.10
CA LYS A 199 -12.46 10.46 16.30
C LYS A 199 -11.12 10.48 17.01
N LYS A 200 -10.42 9.34 17.02
CA LYS A 200 -9.10 9.20 17.62
C LYS A 200 -8.17 8.58 16.58
N VAL A 201 -6.94 9.10 16.51
CA VAL A 201 -5.87 8.57 15.67
C VAL A 201 -4.61 8.42 16.51
N SER A 202 -3.80 7.41 16.19
CA SER A 202 -2.54 7.26 16.92
C SER A 202 -1.57 8.37 16.52
N SER A 203 -0.50 8.51 17.31
CA SER A 203 0.42 9.62 17.11
C SER A 203 1.13 9.56 15.75
N SER A 204 1.31 8.36 15.18
CA SER A 204 2.08 8.26 13.94
C SER A 204 1.33 8.84 12.75
N PHE A 205 -0.01 8.84 12.79
CA PHE A 205 -0.78 9.53 11.76
C PHE A 205 -0.76 11.04 11.97
N THR A 206 -0.80 11.50 13.23
CA THR A 206 -0.82 12.94 13.52
C THR A 206 0.43 13.63 13.01
N GLU A 207 1.60 12.97 13.12
CA GLU A 207 2.89 13.50 12.67
C GLU A 207 3.07 13.46 11.16
N ASP A 208 2.15 12.86 10.41
CA ASP A 208 2.24 12.70 8.95
C ASP A 208 1.25 13.66 8.28
N SER A 209 1.59 14.95 8.35
CA SER A 209 0.75 16.05 7.86
C SER A 209 0.22 15.82 6.46
N THR A 210 0.91 15.02 5.64
CA THR A 210 0.58 14.93 4.22
C THR A 210 -0.47 13.86 3.92
N ILE A 211 -0.78 12.98 4.88
CA ILE A 211 -1.74 11.89 4.66
C ILE A 211 -3.03 12.22 5.42
N ASP A 212 -4.12 12.39 4.67
CA ASP A 212 -5.43 12.69 5.23
C ASP A 212 -6.26 11.47 5.57
N GLY A 213 -5.75 10.28 5.31
CA GLY A 213 -6.51 9.08 5.54
C GLY A 213 -6.05 7.95 4.64
N LEU A 214 -6.77 6.82 4.74
CA LEU A 214 -6.42 5.60 4.04
C LEU A 214 -7.61 5.13 3.23
N LEU A 215 -7.33 4.56 2.06
CA LEU A 215 -8.34 3.94 1.23
C LEU A 215 -7.96 2.48 1.07
N GLY A 216 -8.68 1.60 1.77
CA GLY A 216 -8.34 0.19 1.80
C GLY A 216 -8.81 -0.53 0.55
N LEU A 217 -7.93 -1.36 -0.01
CA LEU A 217 -8.20 -2.08 -1.23
C LEU A 217 -7.96 -3.59 -1.07
N ALA A 218 -7.88 -4.10 0.16
CA ALA A 218 -7.89 -5.55 0.36
C ALA A 218 -9.34 -6.07 0.24
N PHE A 219 -9.59 -7.33 0.62
CA PHE A 219 -10.94 -7.88 0.48
C PHE A 219 -11.83 -7.46 1.65
N SER A 220 -13.13 -7.30 1.35
CA SER A 220 -14.02 -6.66 2.33
C SER A 220 -14.17 -7.45 3.63
N THR A 221 -13.76 -8.72 3.62
CA THR A 221 -13.82 -9.50 4.86
C THR A 221 -12.94 -8.93 5.96
N LEU A 222 -11.96 -8.06 5.67
CA LEU A 222 -11.18 -7.44 6.75
C LEU A 222 -11.71 -6.10 7.23
N ASN A 223 -12.81 -5.60 6.68
CA ASN A 223 -13.33 -4.31 7.10
C ASN A 223 -13.77 -4.35 8.56
N THR A 224 -13.45 -3.29 9.33
CA THR A 224 -13.63 -3.35 10.78
C THR A 224 -14.95 -2.75 11.27
N VAL A 225 -15.87 -2.39 10.38
CA VAL A 225 -17.08 -1.70 10.81
C VAL A 225 -17.99 -2.69 11.52
N SER A 226 -18.53 -2.26 12.66
CA SER A 226 -19.39 -3.09 13.47
C SER A 226 -20.64 -2.29 13.84
N PRO A 227 -21.84 -2.94 13.89
CA PRO A 227 -22.07 -4.37 13.74
C PRO A 227 -22.26 -4.87 12.29
N THR A 228 -22.40 -3.95 11.36
CA THR A 228 -22.61 -4.30 9.95
C THR A 228 -21.32 -4.01 9.18
N GLN A 229 -20.59 -5.07 8.79
CA GLN A 229 -19.41 -4.93 7.95
C GLN A 229 -19.71 -4.15 6.67
N GLN A 230 -18.72 -3.37 6.21
CA GLN A 230 -18.88 -2.48 5.07
C GLN A 230 -17.98 -2.93 3.94
N LYS A 231 -18.39 -2.64 2.70
CA LYS A 231 -17.63 -2.97 1.51
C LYS A 231 -16.58 -1.91 1.19
N THR A 232 -15.48 -2.34 0.56
CA THR A 232 -14.47 -1.37 0.10
C THR A 232 -14.94 -0.64 -1.14
N PHE A 233 -14.25 0.47 -1.42
CA PHE A 233 -14.46 1.24 -2.64
C PHE A 233 -14.39 0.37 -3.88
N PHE A 234 -13.40 -0.52 -3.96
CA PHE A 234 -13.29 -1.39 -5.12
C PHE A 234 -14.51 -2.30 -5.24
N ASP A 235 -14.92 -2.91 -4.12
CA ASP A 235 -16.07 -3.81 -4.13
C ASP A 235 -17.33 -3.09 -4.58
N ASN A 236 -17.55 -1.87 -4.04
CA ASN A 236 -18.69 -1.07 -4.44
C ASN A 236 -18.63 -0.67 -5.91
N ALA A 237 -17.43 -0.40 -6.43
CA ALA A 237 -17.33 0.06 -7.81
C ALA A 237 -17.39 -1.07 -8.82
N LYS A 238 -17.20 -2.32 -8.37
CA LYS A 238 -16.95 -3.46 -9.27
C LYS A 238 -18.03 -3.59 -10.33
N ALA A 239 -19.30 -3.44 -9.92
CA ALA A 239 -20.44 -3.62 -10.84
C ALA A 239 -20.27 -2.76 -12.08
N SER A 240 -19.93 -1.49 -11.89
CA SER A 240 -19.95 -0.51 -12.95
C SER A 240 -18.64 -0.40 -13.72
N LEU A 241 -17.59 -1.09 -13.30
CA LEU A 241 -16.30 -1.01 -13.97
C LEU A 241 -16.34 -1.78 -15.28
N ASP A 242 -15.64 -1.27 -16.30
CA ASP A 242 -15.57 -2.01 -17.56
C ASP A 242 -15.01 -3.41 -17.33
N SER A 243 -14.00 -3.53 -16.45
CA SER A 243 -13.32 -4.77 -16.11
C SER A 243 -13.06 -4.74 -14.60
N PRO A 244 -13.31 -5.85 -13.86
CA PRO A 244 -13.14 -5.79 -12.39
C PRO A 244 -11.68 -5.82 -11.94
N VAL A 245 -10.89 -4.83 -12.38
CA VAL A 245 -9.47 -4.79 -12.09
C VAL A 245 -9.11 -3.38 -11.65
N PHE A 246 -8.05 -3.26 -10.88
CA PHE A 246 -7.32 -2.01 -10.79
C PHE A 246 -5.85 -2.33 -10.90
N THR A 247 -5.06 -1.31 -11.27
CA THR A 247 -3.63 -1.48 -11.46
C THR A 247 -2.87 -0.40 -10.69
N ALA A 248 -1.69 -0.82 -10.21
CA ALA A 248 -0.80 0.03 -9.43
C ALA A 248 0.46 0.20 -10.26
N ASP A 249 0.79 1.45 -10.59
CA ASP A 249 1.99 1.79 -11.34
C ASP A 249 2.73 2.85 -10.51
N LEU A 250 3.45 2.41 -9.47
CA LEU A 250 4.12 3.33 -8.56
C LEU A 250 5.47 3.78 -9.11
N GLY A 251 5.79 5.06 -8.90
CA GLY A 251 7.02 5.62 -9.41
C GLY A 251 8.17 5.55 -8.41
N TYR A 252 9.39 5.47 -8.93
CA TYR A 252 10.58 5.62 -8.10
C TYR A 252 10.94 7.11 -8.05
N HIS A 253 10.82 7.72 -6.87
CA HIS A 253 11.03 9.16 -6.70
C HIS A 253 10.25 9.97 -7.74
N ALA A 254 9.07 9.51 -8.12
CA ALA A 254 8.32 10.15 -9.19
C ALA A 254 6.85 9.79 -9.03
N PRO A 255 5.94 10.59 -9.60
CA PRO A 255 4.51 10.26 -9.53
C PRO A 255 4.22 8.99 -10.30
N GLY A 256 3.09 8.38 -9.97
CA GLY A 256 2.65 7.18 -10.65
C GLY A 256 1.16 7.20 -10.85
N THR A 257 0.55 6.04 -11.11
CA THR A 257 -0.84 5.99 -11.50
C THR A 257 -1.57 4.80 -10.87
N TYR A 258 -2.78 5.05 -10.36
CA TYR A 258 -3.73 3.99 -10.04
C TYR A 258 -4.85 4.08 -11.08
N ASN A 259 -5.10 2.97 -11.80
CA ASN A 259 -6.18 2.92 -12.78
C ASN A 259 -7.22 1.94 -12.30
N PHE A 260 -8.50 2.27 -12.48
CA PHE A 260 -9.61 1.41 -12.13
C PHE A 260 -10.38 1.06 -13.39
N GLY A 261 -10.59 -0.25 -13.60
CA GLY A 261 -11.49 -0.74 -14.63
C GLY A 261 -10.88 -1.02 -15.99
N PHE A 262 -9.59 -0.81 -16.17
CA PHE A 262 -8.94 -1.08 -17.45
C PHE A 262 -7.44 -1.28 -17.23
N ILE A 263 -6.81 -1.95 -18.18
CA ILE A 263 -5.37 -2.18 -18.18
C ILE A 263 -4.76 -1.34 -19.29
N ASP A 264 -3.92 -0.39 -18.92
CA ASP A 264 -3.20 0.47 -19.87
C ASP A 264 -2.07 -0.32 -20.52
N THR A 265 -2.28 -0.76 -21.75
CA THR A 265 -1.25 -1.61 -22.36
C THR A 265 -0.04 -0.82 -22.84
N THR A 266 0.02 0.49 -22.61
CA THR A 266 1.23 1.24 -22.91
C THR A 266 2.10 1.45 -21.68
N ALA A 267 1.68 1.01 -20.50
CA ALA A 267 2.40 1.31 -19.28
C ALA A 267 3.42 0.24 -18.90
N TYR A 268 3.53 -0.84 -19.68
CA TYR A 268 4.45 -1.91 -19.35
C TYR A 268 5.09 -2.43 -20.63
N THR A 269 6.12 -3.25 -20.45
CA THR A 269 6.82 -3.92 -21.54
C THR A 269 6.65 -5.43 -21.42
N GLY A 270 6.64 -6.11 -22.56
CA GLY A 270 6.52 -7.57 -22.56
C GLY A 270 5.11 -8.02 -22.25
N SER A 271 4.99 -9.12 -21.52
CA SER A 271 3.71 -9.70 -21.20
C SER A 271 3.44 -9.53 -19.71
N ILE A 272 2.18 -9.63 -19.36
CA ILE A 272 1.79 -9.73 -17.94
C ILE A 272 1.75 -11.20 -17.55
N THR A 273 2.45 -11.55 -16.47
CA THR A 273 2.40 -12.89 -15.90
C THR A 273 1.43 -12.89 -14.72
N TYR A 274 0.35 -13.68 -14.82
CA TYR A 274 -0.61 -13.75 -13.72
C TYR A 274 -0.29 -14.92 -12.79
N THR A 275 -0.68 -14.79 -11.53
CA THR A 275 -0.42 -15.82 -10.53
C THR A 275 -1.62 -15.87 -9.59
N ALA A 276 -1.86 -17.04 -9.00
CA ALA A 276 -3.07 -17.22 -8.18
C ALA A 276 -3.02 -16.46 -6.86
N VAL A 277 -4.19 -16.04 -6.39
CA VAL A 277 -4.34 -15.32 -5.12
C VAL A 277 -5.14 -16.21 -4.18
N SER A 278 -4.66 -16.34 -2.94
CA SER A 278 -5.44 -16.84 -1.82
C SER A 278 -6.12 -15.68 -1.12
N THR A 279 -7.44 -15.77 -0.93
CA THR A 279 -8.19 -14.76 -0.22
C THR A 279 -8.55 -15.21 1.21
N LYS A 280 -7.98 -16.31 1.67
CA LYS A 280 -8.43 -16.90 2.92
C LYS A 280 -8.11 -16.02 4.13
N GLN A 281 -7.07 -15.20 4.08
CA GLN A 281 -6.85 -14.26 5.18
C GLN A 281 -7.30 -12.82 4.89
N GLY A 282 -7.95 -12.56 3.74
CA GLY A 282 -8.44 -11.24 3.38
C GLY A 282 -7.43 -10.37 2.63
N PHE A 283 -6.24 -10.86 2.36
CA PHE A 283 -5.17 -10.12 1.71
C PHE A 283 -5.04 -10.57 0.27
N TRP A 284 -4.37 -9.75 -0.54
CA TRP A 284 -3.92 -10.18 -1.86
C TRP A 284 -2.68 -11.04 -1.64
N GLU A 285 -2.91 -12.32 -1.36
CA GLU A 285 -1.83 -13.22 -0.96
C GLU A 285 -1.48 -14.12 -2.13
N TRP A 286 -0.17 -14.27 -2.39
CA TRP A 286 0.29 -15.02 -3.55
C TRP A 286 1.60 -15.69 -3.17
N THR A 287 2.15 -16.50 -4.08
CA THR A 287 3.36 -17.26 -3.78
C THR A 287 4.42 -16.93 -4.82
N SER A 288 5.50 -16.31 -4.39
CA SER A 288 6.62 -16.05 -5.27
C SER A 288 7.45 -17.32 -5.47
N THR A 289 8.01 -17.46 -6.66
CA THR A 289 8.68 -18.71 -7.00
C THR A 289 10.17 -18.71 -6.72
N GLY A 290 10.72 -17.66 -6.14
CA GLY A 290 12.13 -17.67 -5.80
C GLY A 290 12.75 -16.30 -5.88
N TYR A 291 14.08 -16.27 -5.81
CA TYR A 291 14.78 -15.00 -5.73
C TYR A 291 16.22 -15.16 -6.21
N ALA A 292 16.85 -14.03 -6.52
CA ALA A 292 18.29 -14.00 -6.79
C ALA A 292 18.86 -12.69 -6.25
N VAL A 293 20.11 -12.72 -5.83
CA VAL A 293 20.81 -11.54 -5.33
C VAL A 293 21.82 -11.11 -6.38
N GLY A 294 21.74 -9.85 -6.80
CA GLY A 294 22.61 -9.33 -7.84
C GLY A 294 22.59 -10.20 -9.07
N SER A 295 23.78 -10.61 -9.53
CA SER A 295 23.85 -11.49 -10.68
C SER A 295 24.07 -12.95 -10.28
N GLY A 296 23.71 -13.32 -9.04
CA GLY A 296 23.81 -14.70 -8.60
C GLY A 296 22.78 -15.59 -9.24
N THR A 297 22.87 -16.87 -8.89
CA THR A 297 21.93 -17.85 -9.41
C THR A 297 20.58 -17.70 -8.75
N PHE A 298 19.54 -17.97 -9.52
CA PHE A 298 18.19 -17.93 -9.00
C PHE A 298 17.95 -19.17 -8.15
N LYS A 299 17.46 -18.95 -6.93
CA LYS A 299 17.13 -20.02 -5.99
C LYS A 299 15.63 -20.23 -6.08
N SER A 300 15.21 -21.40 -6.55
CA SER A 300 13.79 -21.71 -6.59
C SER A 300 13.36 -22.10 -5.19
N THR A 301 12.36 -21.40 -4.69
CA THR A 301 11.83 -21.63 -3.36
C THR A 301 10.55 -20.80 -3.25
N SER A 302 9.53 -21.40 -2.64
CA SER A 302 8.24 -20.75 -2.51
C SER A 302 8.30 -19.76 -1.37
N ILE A 303 7.94 -18.53 -1.66
CA ILE A 303 7.83 -17.47 -0.66
C ILE A 303 6.39 -16.98 -0.70
N ASP A 304 5.63 -17.28 0.34
CA ASP A 304 4.26 -16.81 0.42
C ASP A 304 4.23 -15.41 1.05
N GLY A 305 3.45 -14.51 0.46
CA GLY A 305 3.46 -13.16 0.97
C GLY A 305 2.29 -12.40 0.37
N ILE A 306 2.16 -11.12 0.76
CA ILE A 306 1.01 -10.32 0.37
C ILE A 306 1.48 -9.10 -0.41
N ALA A 307 0.71 -8.71 -1.40
CA ALA A 307 0.98 -7.50 -2.18
C ALA A 307 0.38 -6.31 -1.44
N ASP A 308 1.21 -5.43 -0.89
CA ASP A 308 0.73 -4.41 0.04
C ASP A 308 1.26 -3.03 -0.33
N THR A 309 0.44 -2.23 -1.05
CA THR A 309 0.85 -0.86 -1.38
C THR A 309 0.97 0.01 -0.15
N GLY A 310 0.39 -0.39 0.97
CA GLY A 310 0.46 0.42 2.17
C GLY A 310 1.68 0.21 3.05
N THR A 311 2.60 -0.63 2.64
CA THR A 311 3.82 -0.92 3.40
C THR A 311 4.98 -0.44 2.54
N THR A 312 5.91 0.28 3.16
CA THR A 312 7.01 0.89 2.43
C THR A 312 8.03 -0.16 1.97
N LEU A 313 8.46 -1.02 2.88
CA LEU A 313 9.61 -1.86 2.61
C LEU A 313 9.19 -3.25 2.15
N LEU A 314 10.19 -4.07 1.88
CA LEU A 314 10.06 -5.45 1.49
C LEU A 314 10.49 -6.31 2.68
N TYR A 315 9.56 -7.12 3.21
CA TYR A 315 9.83 -7.96 4.40
C TYR A 315 9.80 -9.42 3.98
N LEU A 316 10.93 -10.11 4.12
CA LEU A 316 11.12 -11.46 3.57
C LEU A 316 11.70 -12.36 4.66
N PRO A 317 11.69 -13.69 4.47
CA PRO A 317 12.22 -14.57 5.52
C PRO A 317 13.69 -14.32 5.83
N ALA A 318 14.07 -14.63 7.07
CA ALA A 318 15.38 -14.28 7.57
C ALA A 318 16.48 -14.86 6.70
N THR A 319 16.26 -16.06 6.15
CA THR A 319 17.29 -16.71 5.33
C THR A 319 17.54 -15.92 4.06
N VAL A 320 16.47 -15.45 3.40
CA VAL A 320 16.62 -14.67 2.18
C VAL A 320 17.31 -13.34 2.49
N VAL A 321 16.90 -12.69 3.57
CA VAL A 321 17.38 -11.34 3.88
C VAL A 321 18.84 -11.39 4.27
N SER A 322 19.24 -12.44 5.02
CA SER A 322 20.64 -12.63 5.34
C SER A 322 21.49 -12.85 4.08
N ALA A 323 21.00 -13.65 3.13
CA ALA A 323 21.79 -13.86 1.91
C ALA A 323 21.95 -12.58 1.10
N TYR A 324 20.95 -11.69 1.09
CA TYR A 324 21.09 -10.40 0.41
C TYR A 324 22.15 -9.53 1.09
N TRP A 325 21.99 -9.29 2.41
CA TRP A 325 22.89 -8.33 3.07
C TRP A 325 24.31 -8.86 3.19
N ALA A 326 24.50 -10.17 3.10
CA ALA A 326 25.85 -10.73 3.08
C ALA A 326 26.67 -10.24 1.90
N GLN A 327 26.02 -9.83 0.83
CA GLN A 327 26.74 -9.31 -0.34
C GLN A 327 27.09 -7.83 -0.23
N VAL A 328 26.74 -7.15 0.85
CA VAL A 328 27.01 -5.73 0.99
C VAL A 328 28.10 -5.56 2.04
N SER A 329 29.24 -5.02 1.64
CA SER A 329 30.35 -4.92 2.58
C SER A 329 30.00 -3.99 3.74
N GLY A 330 30.16 -4.50 4.96
CA GLY A 330 29.87 -3.70 6.14
C GLY A 330 28.43 -3.69 6.59
N ALA A 331 27.50 -4.31 5.87
CA ALA A 331 26.12 -4.35 6.32
C ALA A 331 25.99 -5.18 7.58
N LYS A 332 25.12 -4.76 8.50
CA LYS A 332 24.91 -5.56 9.71
C LYS A 332 23.50 -5.31 10.23
N SER A 333 23.00 -6.28 10.98
CA SER A 333 21.70 -6.10 11.60
C SER A 333 21.91 -5.40 12.94
N SER A 334 21.16 -4.32 13.17
CA SER A 334 21.36 -3.44 14.32
C SER A 334 20.14 -3.52 15.21
N SER A 335 20.32 -3.97 16.45
CA SER A 335 19.18 -4.03 17.36
C SER A 335 18.69 -2.64 17.73
N SER A 336 19.61 -1.68 17.91
CA SER A 336 19.17 -0.34 18.29
C SER A 336 18.41 0.34 17.16
N VAL A 337 18.78 0.06 15.91
CA VAL A 337 18.06 0.67 14.81
C VAL A 337 16.81 -0.14 14.47
N GLY A 338 16.83 -1.44 14.70
CA GLY A 338 15.69 -2.29 14.38
C GLY A 338 15.72 -2.86 12.98
N GLY A 339 16.89 -3.22 12.48
CA GLY A 339 16.99 -3.86 11.18
C GLY A 339 18.38 -3.75 10.61
N TYR A 340 18.50 -4.14 9.35
CA TYR A 340 19.79 -4.08 8.66
C TYR A 340 20.11 -2.65 8.29
N VAL A 341 21.36 -2.25 8.56
CA VAL A 341 21.89 -0.97 8.08
C VAL A 341 23.15 -1.26 7.28
N PHE A 342 23.60 -0.27 6.50
CA PHE A 342 24.77 -0.48 5.66
C PHE A 342 25.51 0.84 5.49
N PRO A 343 26.81 0.81 5.24
CA PRO A 343 27.56 2.06 5.02
C PRO A 343 27.01 2.80 3.81
N CYS A 344 26.63 4.05 4.02
CA CYS A 344 26.02 4.82 2.94
C CYS A 344 26.89 4.88 1.69
N SER A 345 28.18 4.62 1.82
CA SER A 345 29.08 4.65 0.66
C SER A 345 29.01 3.37 -0.18
N ALA A 346 28.30 2.33 0.24
CA ALA A 346 28.29 1.10 -0.54
C ALA A 346 27.29 1.17 -1.68
N THR A 347 27.55 0.40 -2.73
CA THR A 347 26.58 0.20 -3.80
C THR A 347 25.84 -1.11 -3.56
N LEU A 348 24.51 -1.06 -3.66
CA LEU A 348 23.66 -2.18 -3.33
C LEU A 348 23.43 -3.05 -4.56
N PRO A 349 23.52 -4.37 -4.41
CA PRO A 349 23.10 -5.25 -5.49
C PRO A 349 21.58 -5.20 -5.71
N SER A 350 21.18 -5.58 -6.91
CA SER A 350 19.77 -5.68 -7.21
C SER A 350 19.20 -6.94 -6.53
N PHE A 351 17.87 -7.01 -6.52
CA PHE A 351 17.16 -8.16 -5.95
C PHE A 351 16.11 -8.60 -6.94
N THR A 352 16.09 -9.88 -7.26
CA THR A 352 15.15 -10.44 -8.23
C THR A 352 14.15 -11.31 -7.50
N PHE A 353 12.86 -11.16 -7.77
CA PHE A 353 11.91 -12.12 -7.24
C PHE A 353 11.14 -12.76 -8.39
N GLY A 354 10.73 -14.02 -8.17
CA GLY A 354 10.08 -14.81 -9.22
C GLY A 354 8.57 -14.67 -9.19
N VAL A 355 7.98 -14.57 -10.38
CA VAL A 355 6.53 -14.61 -10.55
C VAL A 355 6.26 -15.69 -11.58
N GLY A 356 5.72 -16.83 -11.14
CA GLY A 356 5.67 -17.97 -12.04
C GLY A 356 7.05 -18.14 -12.65
N SER A 357 7.11 -18.15 -13.98
CA SER A 357 8.40 -18.24 -14.67
C SER A 357 9.00 -16.88 -15.00
N ALA A 358 8.30 -15.79 -14.73
CA ALA A 358 8.86 -14.49 -15.02
C ALA A 358 9.76 -14.04 -13.86
N ARG A 359 10.56 -13.01 -14.10
CA ARG A 359 11.43 -12.44 -13.08
C ARG A 359 11.25 -10.92 -13.05
N ILE A 360 11.10 -10.39 -11.83
CA ILE A 360 11.01 -8.96 -11.60
C ILE A 360 12.30 -8.52 -10.92
N VAL A 361 13.01 -7.56 -11.51
CA VAL A 361 14.30 -7.10 -10.98
C VAL A 361 14.11 -5.79 -10.22
N ILE A 362 14.50 -5.75 -8.96
CA ILE A 362 14.44 -4.52 -8.15
C ILE A 362 15.83 -3.89 -8.19
N PRO A 363 16.01 -2.73 -8.82
CA PRO A 363 17.36 -2.13 -8.88
C PRO A 363 17.87 -1.86 -7.48
N GLY A 364 19.19 -2.01 -7.29
CA GLY A 364 19.77 -1.78 -5.99
C GLY A 364 19.49 -0.40 -5.41
N ASP A 365 19.38 0.63 -6.26
CA ASP A 365 19.09 1.98 -5.78
C ASP A 365 17.74 2.06 -5.04
N TYR A 366 16.77 1.21 -5.41
CA TYR A 366 15.46 1.22 -4.75
C TYR A 366 15.56 0.73 -3.31
N ILE A 367 16.64 0.05 -2.97
CA ILE A 367 16.76 -0.53 -1.61
C ILE A 367 17.43 0.41 -0.62
N ASP A 368 17.95 1.55 -1.09
CA ASP A 368 18.60 2.54 -0.24
C ASP A 368 17.56 3.45 0.38
N PHE A 369 17.39 3.42 1.71
CA PHE A 369 16.45 4.37 2.31
C PHE A 369 17.15 5.45 3.11
N GLY A 370 18.43 5.68 2.82
CA GLY A 370 19.12 6.87 3.29
C GLY A 370 19.61 6.78 4.72
N PRO A 371 20.24 7.85 5.20
CA PRO A 371 20.87 7.82 6.53
C PRO A 371 19.87 7.62 7.65
N ILE A 372 20.26 6.83 8.65
CA ILE A 372 19.35 6.56 9.77
C ILE A 372 19.05 7.84 10.56
N SER A 373 19.96 8.79 10.56
CA SER A 373 19.77 10.10 11.18
C SER A 373 20.54 11.08 10.35
N THR A 374 20.15 12.35 10.45
CA THR A 374 20.81 13.38 9.66
C THR A 374 22.30 13.40 9.94
N GLY A 375 23.08 13.42 8.87
CA GLY A 375 24.52 13.41 9.00
C GLY A 375 25.16 12.06 9.24
N SER A 376 24.38 11.01 9.49
CA SER A 376 24.95 9.69 9.72
C SER A 376 25.55 9.11 8.43
N SER A 377 26.59 8.32 8.60
CA SER A 377 27.12 7.53 7.50
C SER A 377 26.56 6.10 7.45
N SER A 378 25.62 5.75 8.34
CA SER A 378 24.88 4.49 8.26
C SER A 378 23.54 4.74 7.60
N CYS A 379 23.21 3.89 6.62
CA CYS A 379 22.00 4.01 5.82
C CYS A 379 21.07 2.82 6.09
N PHE A 380 19.76 3.04 5.95
CA PHE A 380 18.77 2.03 6.30
C PHE A 380 18.39 1.21 5.07
N GLY A 381 18.33 -0.11 5.23
CA GLY A 381 18.06 -0.98 4.10
C GLY A 381 16.56 -1.15 3.83
N GLY A 382 16.21 -1.25 2.54
CA GLY A 382 14.85 -1.46 2.10
C GLY A 382 14.35 -2.91 2.12
N ILE A 383 15.22 -3.87 2.44
CA ILE A 383 14.87 -5.28 2.55
C ILE A 383 15.14 -5.68 3.99
N GLN A 384 14.10 -6.11 4.70
CA GLN A 384 14.21 -6.40 6.11
C GLN A 384 13.53 -7.74 6.39
N SER A 385 13.82 -8.29 7.56
CA SER A 385 13.32 -9.61 7.90
C SER A 385 11.85 -9.56 8.34
N SER A 386 11.10 -10.57 7.94
CA SER A 386 9.71 -10.67 8.36
C SER A 386 9.54 -11.51 9.62
N ALA A 387 10.63 -12.02 10.18
CA ALA A 387 10.54 -12.92 11.33
C ALA A 387 9.68 -12.34 12.44
N GLY A 388 9.86 -11.05 12.76
CA GLY A 388 9.02 -10.46 13.82
C GLY A 388 7.57 -10.16 13.42
N ILE A 389 7.22 -10.20 12.13
CA ILE A 389 5.90 -9.78 11.62
C ILE A 389 4.97 -10.98 11.43
N GLY A 390 5.51 -12.13 11.08
CA GLY A 390 4.69 -13.30 10.88
C GLY A 390 4.11 -13.48 9.50
N ILE A 391 4.33 -12.54 8.59
CA ILE A 391 3.87 -12.66 7.21
C ILE A 391 4.88 -11.95 6.33
N ASN A 392 5.13 -12.47 5.12
CA ASN A 392 6.03 -11.78 4.20
C ASN A 392 5.26 -10.70 3.44
N ILE A 393 5.89 -9.55 3.23
CA ILE A 393 5.18 -8.40 2.67
C ILE A 393 5.96 -7.86 1.49
N PHE A 394 5.36 -7.94 0.31
CA PHE A 394 5.89 -7.29 -0.88
C PHE A 394 5.33 -5.87 -0.88
N GLY A 395 6.05 -4.96 -0.23
CA GLY A 395 5.65 -3.57 -0.09
C GLY A 395 6.07 -2.75 -1.30
N ASP A 396 6.09 -1.42 -1.12
CA ASP A 396 6.34 -0.49 -2.24
C ASP A 396 7.69 -0.73 -2.90
N VAL A 397 8.74 -1.07 -2.12
CA VAL A 397 10.06 -1.35 -2.69
C VAL A 397 9.98 -2.34 -3.84
N ALA A 398 9.20 -3.43 -3.66
CA ALA A 398 9.01 -4.40 -4.73
C ALA A 398 7.98 -3.95 -5.74
N LEU A 399 6.84 -3.42 -5.29
CA LEU A 399 5.76 -3.15 -6.24
C LEU A 399 6.15 -2.07 -7.24
N LYS A 400 6.95 -1.09 -6.81
CA LYS A 400 7.29 0.01 -7.73
C LYS A 400 8.27 -0.42 -8.80
N ALA A 401 8.83 -1.63 -8.69
CA ALA A 401 9.63 -2.14 -9.80
C ALA A 401 8.77 -2.77 -10.89
N ALA A 402 7.44 -2.87 -10.70
CA ALA A 402 6.61 -3.57 -11.66
C ALA A 402 5.35 -2.78 -11.99
N PHE A 403 4.68 -3.20 -13.06
CA PHE A 403 3.30 -2.85 -13.31
C PHE A 403 2.45 -3.96 -12.70
N VAL A 404 1.53 -3.62 -11.80
CA VAL A 404 0.85 -4.64 -11.01
C VAL A 404 -0.64 -4.59 -11.27
N VAL A 405 -1.22 -5.74 -11.64
CA VAL A 405 -2.66 -5.86 -11.90
C VAL A 405 -3.32 -6.60 -10.76
N PHE A 406 -4.27 -5.94 -10.12
CA PHE A 406 -5.08 -6.56 -9.09
C PHE A 406 -6.40 -6.97 -9.77
N ASN A 407 -6.53 -8.25 -10.09
CA ASN A 407 -7.68 -8.76 -10.84
C ASN A 407 -8.72 -9.28 -9.85
N GLY A 408 -9.83 -8.55 -9.70
CA GLY A 408 -10.83 -8.92 -8.72
C GLY A 408 -11.96 -9.72 -9.34
N ALA A 409 -11.65 -10.50 -10.37
CA ALA A 409 -12.58 -11.50 -10.90
C ALA A 409 -12.99 -12.46 -9.79
N THR A 410 -14.03 -13.25 -10.06
CA THR A 410 -14.57 -14.09 -8.99
C THR A 410 -13.52 -15.10 -8.51
N THR A 411 -12.64 -15.51 -9.41
CA THR A 411 -11.39 -16.14 -8.99
C THR A 411 -10.25 -15.10 -9.14
N PRO A 412 -9.81 -14.47 -8.05
CA PRO A 412 -8.86 -13.35 -8.18
C PRO A 412 -7.45 -13.79 -8.52
N THR A 413 -6.74 -12.93 -9.24
CA THR A 413 -5.33 -13.13 -9.59
C THR A 413 -4.55 -11.82 -9.50
N LEU A 414 -3.23 -11.95 -9.44
CA LEU A 414 -2.31 -10.83 -9.48
C LEU A 414 -1.46 -10.93 -10.73
N GLY A 415 -1.29 -9.81 -11.42
CA GLY A 415 -0.48 -9.77 -12.63
C GLY A 415 0.75 -8.91 -12.41
N PHE A 416 1.88 -9.36 -12.93
CA PHE A 416 3.11 -8.59 -12.83
C PHE A 416 3.70 -8.47 -14.23
N ALA A 417 4.17 -7.28 -14.55
CA ALA A 417 4.90 -7.03 -15.77
C ALA A 417 6.07 -6.10 -15.47
N SER A 418 7.13 -6.27 -16.23
CA SER A 418 8.25 -5.35 -16.18
C SER A 418 7.83 -4.01 -16.77
N LYS A 419 8.49 -2.95 -16.34
CA LYS A 419 8.19 -1.66 -16.93
C LYS A 419 9.43 -0.80 -17.09
C02 U1H B . -1.83 -2.63 5.76
C03 U1H B . -1.23 -3.74 6.61
C04 U1H B . -1.44 -5.06 6.24
C05 U1H B . -0.89 -6.08 7.01
C06 U1H B . -0.13 -5.78 8.11
C07 U1H B . 0.44 -6.93 8.94
C11 U1H B . 0.08 -4.47 8.49
C12 U1H B . -0.47 -3.44 7.73
F08 U1H B . 0.81 -7.94 8.09
F09 U1H B . 1.52 -6.48 9.67
F10 U1H B . -0.55 -7.40 9.77
N01 U1H B . -0.83 -2.10 4.85
C1 PG5 C . 13.02 1.73 11.94
O1 PG5 C . 13.39 3.05 11.61
C2 PG5 C . 14.54 3.14 10.82
C3 PG5 C . 15.30 4.45 11.06
O2 PG5 C . 15.64 5.04 9.82
C4 PG5 C . 14.49 5.40 9.10
C5 PG5 C . 14.80 5.91 7.68
O3 PG5 C . 13.61 5.85 6.93
C6 PG5 C . 13.05 4.56 6.84
C7 PG5 C . 11.56 4.53 6.46
O4 PG5 C . 11.06 3.24 6.72
C8 PG5 C . 9.68 3.14 6.92
S DMS D . 5.16 1.77 6.68
O DMS D . 5.21 0.40 6.17
C1 DMS D . 3.88 2.69 5.78
C2 DMS D . 4.36 1.72 8.32
S DMS E . 4.37 -3.37 9.27
O DMS E . 3.33 -2.82 8.40
C1 DMS E . 5.37 -4.45 8.22
C2 DMS E . 5.63 -2.06 9.46
S DMS F . -5.33 -4.95 9.46
O DMS F . -5.73 -5.00 8.05
C1 DMS F . -5.20 -6.66 10.06
C2 DMS F . -3.56 -4.56 9.48
S DMS G . 5.06 14.02 5.95
O DMS G . 5.68 12.85 6.57
C1 DMS G . 5.61 15.45 6.93
C2 DMS G . 6.01 14.31 4.43
#